data_6AXI
#
_entry.id   6AXI
#
_entity_poly.entity_id   1
_entity_poly.type   'polypeptide(L)'
_entity_poly.pdbx_seq_one_letter_code
;DLFVPPID
;
_entity_poly.pdbx_strand_id   A
#
# COMPACT_ATOMS: atom_id res chain seq x y z
N ASP A 1 -4.76 0.68 -1.39
CA ASP A 1 -5.27 -0.47 -0.61
C ASP A 1 -4.17 -1.60 -0.64
N LEU A 2 -2.92 -1.19 -0.79
CA LEU A 2 -1.78 -2.11 -0.80
C LEU A 2 -1.04 -2.20 0.51
N PHE A 3 -0.52 -3.38 0.78
CA PHE A 3 0.36 -3.60 1.92
C PHE A 3 1.72 -2.88 1.77
N VAL A 4 2.43 -3.13 0.67
CA VAL A 4 3.74 -2.49 0.39
C VAL A 4 3.85 -2.17 -1.10
N PRO A 5 4.15 -0.89 -1.42
CA PRO A 5 4.33 0.28 -0.52
C PRO A 5 2.95 0.67 0.09
N PRO A 6 2.93 1.18 1.34
CA PRO A 6 1.62 1.45 1.99
C PRO A 6 0.86 2.67 1.41
N ILE A 7 0.13 2.42 0.36
CA ILE A 7 -0.64 3.42 -0.38
C ILE A 7 -1.91 2.76 -0.92
N ASP A 8 -2.93 3.55 -1.23
CA ASP A 8 -4.20 3.01 -1.82
C ASP A 8 -4.72 1.91 -0.90
N ASP A 1 -4.96 0.86 -0.07
CA ASP A 1 -5.32 -0.51 0.32
C ASP A 1 -4.25 -1.50 -0.11
N LEU A 2 -3.06 -1.00 -0.34
CA LEU A 2 -1.90 -1.86 -0.68
C LEU A 2 -1.06 -2.09 0.60
N PHE A 3 -0.51 -3.29 0.72
CA PHE A 3 0.34 -3.63 1.89
C PHE A 3 1.71 -2.95 1.77
N VAL A 4 2.35 -3.11 0.62
CA VAL A 4 3.67 -2.51 0.38
C VAL A 4 3.86 -2.17 -1.11
N PRO A 5 4.19 -0.89 -1.42
CA PRO A 5 4.30 0.27 -0.52
C PRO A 5 2.92 0.65 0.08
N PRO A 6 2.88 1.24 1.29
CA PRO A 6 1.57 1.57 1.86
C PRO A 6 0.81 2.70 1.17
N ILE A 7 0.06 2.36 0.11
CA ILE A 7 -0.76 3.31 -0.63
C ILE A 7 -2.19 2.78 -0.59
N ASP A 8 -3.04 3.52 0.14
CA ASP A 8 -4.47 3.21 0.30
C ASP A 8 -4.77 1.82 0.82
N ASP A 1 -3.44 1.83 -0.60
CA ASP A 1 -4.13 0.64 -0.04
C ASP A 1 -3.32 -0.64 0.10
N LEU A 2 -2.29 -0.81 -0.71
CA LEU A 2 -1.47 -2.00 -0.63
C LEU A 2 -0.70 -2.01 0.71
N PHE A 3 -0.10 -3.16 1.02
CA PHE A 3 0.71 -3.30 2.22
C PHE A 3 2.12 -2.78 1.93
N VAL A 4 2.60 -3.06 0.73
CA VAL A 4 3.90 -2.66 0.30
C VAL A 4 3.88 -2.18 -1.13
N PRO A 5 4.12 -0.90 -1.35
CA PRO A 5 4.20 0.25 -0.45
C PRO A 5 2.81 0.69 0.04
N PRO A 6 2.73 1.27 1.23
CA PRO A 6 1.41 1.61 1.75
C PRO A 6 0.78 2.88 1.17
N ILE A 7 1.38 3.47 0.14
CA ILE A 7 0.89 4.74 -0.45
C ILE A 7 -0.51 4.70 -1.12
N ASP A 8 -1.00 3.49 -1.48
CA ASP A 8 -2.29 3.32 -2.15
C ASP A 8 -2.91 1.94 -1.83
N ASP A 1 -4.00 0.71 -1.78
CA ASP A 1 -4.40 -0.68 -1.95
C ASP A 1 -3.44 -1.78 -1.40
N LEU A 2 -2.16 -1.63 -1.58
CA LEU A 2 -1.16 -2.60 -1.11
C LEU A 2 -0.67 -2.30 0.28
N PHE A 3 -0.18 -3.33 0.98
CA PHE A 3 0.52 -3.11 2.22
C PHE A 3 1.93 -2.58 1.91
N VAL A 4 2.51 -3.00 0.77
CA VAL A 4 3.86 -2.61 0.34
C VAL A 4 3.85 -2.16 -1.13
N PRO A 5 4.08 -0.88 -1.40
CA PRO A 5 4.26 0.25 -0.45
C PRO A 5 2.92 0.66 0.12
N PRO A 6 2.88 1.30 1.30
CA PRO A 6 1.66 1.73 1.95
C PRO A 6 0.91 2.90 1.34
N ILE A 7 1.13 3.16 0.10
CA ILE A 7 0.53 4.32 -0.50
C ILE A 7 -0.97 4.05 -0.82
N ASP A 8 -1.29 2.98 -1.52
CA ASP A 8 -2.68 2.74 -1.91
C ASP A 8 -2.90 1.28 -2.27
N ASP A 1 -4.64 0.77 -0.89
CA ASP A 1 -4.97 -0.41 -0.05
C ASP A 1 -3.84 -1.44 -0.21
N LEU A 2 -2.70 -1.06 -0.77
CA LEU A 2 -1.57 -1.99 -0.92
C LEU A 2 -0.81 -2.05 0.39
N PHE A 3 -0.37 -3.24 0.78
CA PHE A 3 0.45 -3.37 2.01
C PHE A 3 1.82 -2.72 1.80
N VAL A 4 2.50 -3.10 0.70
CA VAL A 4 3.80 -2.56 0.37
C VAL A 4 3.85 -2.16 -1.12
N PRO A 5 4.14 -0.88 -1.43
CA PRO A 5 4.27 0.24 -0.46
C PRO A 5 2.90 0.61 0.11
N PRO A 6 2.88 1.24 1.29
CA PRO A 6 1.59 1.69 1.90
C PRO A 6 0.95 2.88 1.17
N ILE A 7 0.21 2.54 0.10
CA ILE A 7 -0.54 3.51 -0.68
C ILE A 7 -1.86 2.83 -1.07
N ASP A 8 -2.92 3.62 -1.13
CA ASP A 8 -4.27 3.12 -1.43
C ASP A 8 -4.72 2.03 -0.46
N ASP A 1 -2.62 2.08 -0.38
CA ASP A 1 -3.38 1.09 0.46
C ASP A 1 -2.91 -0.39 0.20
N LEU A 2 -1.80 -0.57 -0.50
CA LEU A 2 -1.23 -1.91 -0.70
C LEU A 2 -0.46 -2.28 0.55
N PHE A 3 -0.14 -3.54 0.76
CA PHE A 3 0.69 -3.91 1.92
C PHE A 3 2.02 -3.20 1.81
N VAL A 4 2.61 -3.28 0.62
CA VAL A 4 3.88 -2.66 0.36
C VAL A 4 3.88 -2.18 -1.10
N PRO A 5 4.07 -0.88 -1.40
CA PRO A 5 4.19 0.27 -0.49
C PRO A 5 2.83 0.75 0.06
N PRO A 6 2.81 1.30 1.27
CA PRO A 6 1.49 1.69 1.78
C PRO A 6 0.88 2.93 1.18
N ILE A 7 1.56 3.59 0.23
CA ILE A 7 1.04 4.83 -0.34
C ILE A 7 -0.35 4.65 -1.00
N ASP A 8 -0.63 3.50 -1.58
CA ASP A 8 -1.83 3.26 -2.33
C ASP A 8 -2.70 2.17 -1.70
N ASP A 1 -4.14 0.61 -2.05
CA ASP A 1 -4.51 -0.82 -2.11
C ASP A 1 -3.49 -1.83 -1.56
N LEU A 2 -2.25 -1.66 -1.98
CA LEU A 2 -1.20 -2.58 -1.58
C LEU A 2 -0.75 -2.34 -0.14
N PHE A 3 -0.25 -3.41 0.50
CA PHE A 3 0.33 -3.31 1.84
C PHE A 3 1.73 -2.71 1.79
N VAL A 4 2.41 -3.03 0.70
CA VAL A 4 3.75 -2.52 0.43
C VAL A 4 3.82 -2.17 -1.08
N PRO A 5 4.06 -0.87 -1.43
CA PRO A 5 4.28 0.31 -0.59
C PRO A 5 3.02 0.59 0.18
N PRO A 6 3.09 1.25 1.35
CA PRO A 6 1.90 1.50 2.16
C PRO A 6 1.01 2.65 1.65
N ILE A 7 0.73 2.68 0.35
CA ILE A 7 -0.14 3.70 -0.22
C ILE A 7 -0.91 2.99 -1.35
N ASP A 8 -2.22 3.26 -1.43
CA ASP A 8 -3.12 2.74 -2.50
C ASP A 8 -3.19 1.22 -2.76
N ASP A 1 -3.93 0.99 -1.48
CA ASP A 1 -4.39 -0.41 -1.67
C ASP A 1 -3.42 -1.54 -1.26
N LEU A 2 -2.18 -1.41 -1.64
CA LEU A 2 -1.13 -2.39 -1.37
C LEU A 2 -0.59 -2.24 0.05
N PHE A 3 -0.17 -3.33 0.65
CA PHE A 3 0.46 -3.23 1.96
C PHE A 3 1.87 -2.67 1.79
N VAL A 4 2.53 -3.04 0.72
CA VAL A 4 3.85 -2.52 0.38
C VAL A 4 3.85 -2.16 -1.10
N PRO A 5 4.02 -0.88 -1.42
CA PRO A 5 4.25 0.26 -0.53
C PRO A 5 2.92 0.68 0.10
N PRO A 6 2.95 1.13 1.37
CA PRO A 6 1.67 1.45 2.03
C PRO A 6 1.08 2.80 1.64
N ILE A 7 1.06 3.08 0.33
CA ILE A 7 0.56 4.37 -0.14
C ILE A 7 -0.92 4.24 -0.43
N ASP A 8 -1.28 3.30 -1.27
CA ASP A 8 -2.70 3.05 -1.62
C ASP A 8 -2.87 1.59 -2.01
N ASP A 1 -4.19 0.89 -1.23
CA ASP A 1 -4.71 -0.39 -0.70
C ASP A 1 -3.75 -1.55 -0.97
N LEU A 2 -2.52 -1.33 -0.61
CA LEU A 2 -1.43 -2.28 -0.84
C LEU A 2 -0.71 -2.43 0.48
N PHE A 3 -0.24 -3.62 0.74
CA PHE A 3 0.57 -3.84 1.94
C PHE A 3 1.90 -3.10 1.79
N VAL A 4 2.53 -3.24 0.65
CA VAL A 4 3.77 -2.55 0.38
C VAL A 4 3.85 -2.16 -1.11
N PRO A 5 4.07 -0.88 -1.39
CA PRO A 5 4.28 0.27 -0.50
C PRO A 5 2.92 0.69 0.06
N PRO A 6 2.91 1.25 1.30
CA PRO A 6 1.61 1.65 1.86
C PRO A 6 1.07 2.95 1.30
N ILE A 7 1.12 3.11 -0.01
CA ILE A 7 0.69 4.34 -0.66
C ILE A 7 -0.80 4.31 -0.92
N ASP A 8 -1.35 3.11 -0.97
CA ASP A 8 -2.79 2.91 -1.29
C ASP A 8 -3.22 1.59 -0.64
N ASP A 1 -5.19 0.98 -1.29
CA ASP A 1 -5.33 -0.39 -1.82
C ASP A 1 -4.07 -1.29 -1.82
N LEU A 2 -3.04 -0.90 -1.07
CA LEU A 2 -1.85 -1.74 -1.03
C LEU A 2 -1.16 -1.80 0.34
N PHE A 3 -0.39 -2.85 0.54
CA PHE A 3 0.37 -3.04 1.80
C PHE A 3 1.77 -2.53 1.65
N VAL A 4 2.44 -2.97 0.60
CA VAL A 4 3.81 -2.55 0.39
C VAL A 4 3.89 -2.19 -1.10
N PRO A 5 4.08 -0.90 -1.43
CA PRO A 5 4.21 0.28 -0.54
C PRO A 5 2.92 0.59 0.20
N PRO A 6 2.99 1.23 1.38
CA PRO A 6 1.75 1.58 2.06
C PRO A 6 1.06 2.78 1.36
N ILE A 7 0.19 2.45 0.43
CA ILE A 7 -0.61 3.44 -0.26
C ILE A 7 -2.03 2.89 -0.29
N ASP A 8 -2.96 3.65 -0.87
CA ASP A 8 -4.34 3.24 -0.96
C ASP A 8 -4.40 1.92 -1.78
N ASP A 1 -3.99 1.22 -1.49
CA ASP A 1 -4.53 -0.14 -1.72
C ASP A 1 -3.55 -1.24 -1.28
N LEU A 2 -2.27 -1.02 -1.48
CA LEU A 2 -1.24 -2.01 -1.17
C LEU A 2 -0.69 -1.88 0.25
N PHE A 3 -0.30 -3.01 0.80
CA PHE A 3 0.36 -3.03 2.07
C PHE A 3 1.81 -2.52 1.86
N VAL A 4 2.41 -2.91 0.75
CA VAL A 4 3.81 -2.53 0.40
C VAL A 4 3.86 -2.16 -1.11
N PRO A 5 4.11 -0.89 -1.42
CA PRO A 5 4.27 0.26 -0.53
C PRO A 5 2.90 0.58 0.11
N PRO A 6 2.88 1.23 1.31
CA PRO A 6 1.62 1.48 2.06
C PRO A 6 0.63 2.47 1.49
N ILE A 7 0.64 2.69 0.18
CA ILE A 7 -0.17 3.77 -0.41
C ILE A 7 -1.54 3.25 -0.97
N ASP A 8 -2.63 3.68 -0.32
CA ASP A 8 -4.03 3.54 -0.77
C ASP A 8 -4.66 2.15 -0.86
N ASP A 1 -4.79 0.64 -0.81
CA ASP A 1 -5.17 -0.72 -0.59
C ASP A 1 -3.92 -1.62 -0.57
N LEU A 2 -2.80 -1.08 -1.04
CA LEU A 2 -1.56 -1.81 -1.04
C LEU A 2 -0.89 -1.67 0.28
N PHE A 3 -0.48 -2.83 0.78
CA PHE A 3 0.33 -2.93 1.99
C PHE A 3 1.79 -2.48 1.78
N VAL A 4 2.38 -2.93 0.67
CA VAL A 4 3.78 -2.64 0.36
C VAL A 4 3.88 -2.20 -1.12
N PRO A 5 4.10 -0.88 -1.39
CA PRO A 5 4.26 0.29 -0.49
C PRO A 5 2.92 0.62 0.15
N PRO A 6 2.90 1.32 1.32
CA PRO A 6 1.59 1.67 1.92
C PRO A 6 0.81 2.75 1.17
N ILE A 7 0.07 2.35 0.15
CA ILE A 7 -0.73 3.28 -0.66
C ILE A 7 -2.12 2.71 -0.85
N ASP A 8 -3.08 3.33 -0.17
CA ASP A 8 -4.52 2.98 -0.17
C ASP A 8 -4.84 1.52 0.19
N ASP A 1 -4.81 0.55 -1.59
CA ASP A 1 -5.23 -0.84 -1.86
C ASP A 1 -4.18 -1.88 -1.49
N LEU A 2 -3.00 -1.43 -1.08
CA LEU A 2 -1.96 -2.34 -0.67
C LEU A 2 -1.08 -1.71 0.41
N PHE A 3 -0.33 -2.53 1.13
CA PHE A 3 0.53 -2.07 2.23
C PHE A 3 2.03 -2.09 1.92
N VAL A 4 2.35 -2.59 0.74
CA VAL A 4 3.75 -2.65 0.33
C VAL A 4 3.88 -2.19 -1.16
N PRO A 5 4.12 -0.89 -1.38
CA PRO A 5 4.27 0.24 -0.44
C PRO A 5 2.89 0.61 0.15
N PRO A 6 2.85 1.25 1.30
CA PRO A 6 1.54 1.58 1.90
C PRO A 6 0.73 2.68 1.15
N ILE A 7 0.01 2.31 0.12
CA ILE A 7 -0.81 3.26 -0.63
C ILE A 7 -2.18 2.63 -0.91
N ASP A 8 -3.19 3.02 -0.10
CA ASP A 8 -4.59 2.64 -0.24
C ASP A 8 -4.85 1.10 -0.38
N ASP A 1 -4.84 0.25 -1.07
CA ASP A 1 -5.14 -0.87 -0.16
C ASP A 1 -4.06 -1.92 -0.38
N LEU A 2 -2.85 -1.47 -0.66
CA LEU A 2 -1.73 -2.35 -0.90
C LEU A 2 -1.03 -2.64 0.38
N PHE A 3 -0.36 -3.77 0.44
CA PHE A 3 0.46 -4.06 1.63
C PHE A 3 1.78 -3.26 1.62
N VAL A 4 2.51 -3.34 0.53
CA VAL A 4 3.77 -2.62 0.35
C VAL A 4 3.83 -2.16 -1.10
N PRO A 5 4.09 -0.88 -1.35
CA PRO A 5 4.34 0.29 -0.51
C PRO A 5 3.03 0.72 0.09
N PRO A 6 3.06 1.47 1.18
CA PRO A 6 1.81 1.88 1.82
C PRO A 6 1.04 2.97 1.00
N ILE A 7 0.17 2.54 0.10
CA ILE A 7 -0.63 3.46 -0.72
C ILE A 7 -1.88 2.62 -1.07
N ASP A 8 -3.00 3.24 -1.36
CA ASP A 8 -4.27 2.54 -1.67
C ASP A 8 -4.60 1.48 -0.63
N ASP A 1 -4.63 0.10 -1.37
CA ASP A 1 -4.94 -1.02 -0.46
C ASP A 1 -3.77 -2.00 -0.50
N LEU A 2 -2.60 -1.48 -0.79
CA LEU A 2 -1.38 -2.29 -0.90
C LEU A 2 -0.62 -2.32 0.43
N PHE A 3 -0.24 -3.54 0.86
CA PHE A 3 0.53 -3.71 2.08
C PHE A 3 1.98 -3.27 1.92
N VAL A 4 2.44 -3.15 0.67
CA VAL A 4 3.75 -2.60 0.37
C VAL A 4 3.82 -2.16 -1.12
N PRO A 5 4.13 -0.87 -1.39
CA PRO A 5 4.34 0.26 -0.46
C PRO A 5 2.98 0.70 0.12
N PRO A 6 2.95 1.38 1.29
CA PRO A 6 1.62 1.78 1.77
C PRO A 6 0.92 2.84 0.91
N ILE A 7 0.09 2.37 -0.02
CA ILE A 7 -0.69 3.24 -0.91
C ILE A 7 -1.90 2.41 -1.34
N ASP A 8 -3.04 3.10 -1.58
CA ASP A 8 -4.31 2.44 -1.96
C ASP A 8 -4.65 1.36 -0.95
N ASP A 1 -3.88 0.91 -0.54
CA ASP A 1 -4.40 -0.42 -0.05
C ASP A 1 -3.36 -1.55 -0.11
N LEU A 2 -2.27 -1.33 -0.79
CA LEU A 2 -1.20 -2.30 -0.90
C LEU A 2 -0.49 -2.32 0.44
N PHE A 3 -0.17 -3.52 0.90
CA PHE A 3 0.67 -3.69 2.09
C PHE A 3 2.07 -3.08 1.87
N VAL A 4 2.62 -3.28 0.70
CA VAL A 4 3.90 -2.69 0.33
C VAL A 4 3.82 -2.16 -1.12
N PRO A 5 4.11 -0.88 -1.37
CA PRO A 5 4.31 0.26 -0.43
C PRO A 5 2.92 0.69 0.06
N PRO A 6 2.79 1.38 1.22
CA PRO A 6 1.46 1.81 1.71
C PRO A 6 0.88 3.07 1.03
N ILE A 7 0.86 3.09 -0.31
CA ILE A 7 0.30 4.21 -1.08
C ILE A 7 -1.21 4.04 -1.39
N ASP A 8 -1.64 2.82 -1.68
CA ASP A 8 -3.02 2.59 -2.04
C ASP A 8 -3.46 1.16 -1.77
N ASP A 1 -3.96 1.25 -1.13
CA ASP A 1 -4.46 0.29 -2.12
C ASP A 1 -3.58 -0.96 -2.06
N LEU A 2 -2.41 -0.82 -1.42
CA LEU A 2 -1.46 -1.92 -1.26
C LEU A 2 -0.84 -1.86 0.13
N PHE A 3 -0.34 -2.97 0.60
CA PHE A 3 0.34 -3.04 1.87
C PHE A 3 1.78 -2.53 1.75
N VAL A 4 2.43 -2.95 0.66
CA VAL A 4 3.81 -2.60 0.36
C VAL A 4 3.88 -2.18 -1.10
N PRO A 5 4.07 -0.89 -1.40
CA PRO A 5 4.23 0.29 -0.54
C PRO A 5 2.90 0.62 0.16
N PRO A 6 2.92 1.37 1.30
CA PRO A 6 1.70 1.68 2.04
C PRO A 6 0.81 2.75 1.42
N ILE A 7 0.49 2.58 0.15
CA ILE A 7 -0.31 3.52 -0.61
C ILE A 7 -1.82 3.23 -0.38
N ASP A 8 -2.08 2.40 0.65
CA ASP A 8 -3.45 2.04 1.15
C ASP A 8 -4.19 1.10 0.19
N ASP A 1 -4.18 1.02 -1.76
CA ASP A 1 -4.36 -0.14 -2.68
C ASP A 1 -3.54 -1.39 -2.22
N LEU A 2 -2.39 -1.18 -1.63
CA LEU A 2 -1.49 -2.26 -1.26
C LEU A 2 -0.90 -1.89 0.07
N PHE A 3 -0.27 -2.85 0.74
CA PHE A 3 0.40 -2.54 2.01
C PHE A 3 1.88 -2.25 1.80
N VAL A 4 2.43 -2.80 0.72
CA VAL A 4 3.84 -2.65 0.37
C VAL A 4 3.87 -2.19 -1.12
N PRO A 5 4.07 -0.88 -1.39
CA PRO A 5 4.24 0.27 -0.51
C PRO A 5 2.92 0.61 0.18
N PRO A 6 2.96 1.31 1.33
CA PRO A 6 1.69 1.65 2.02
C PRO A 6 0.90 2.75 1.29
N ILE A 7 -0.09 2.32 0.50
CA ILE A 7 -0.95 3.21 -0.28
C ILE A 7 -2.36 2.69 -0.01
N ASP A 8 -3.41 3.30 -0.59
CA ASP A 8 -4.82 2.88 -0.33
C ASP A 8 -5.20 1.65 -1.19
N ASP A 1 -5.00 -0.44 -1.57
CA ASP A 1 -5.09 -1.76 -2.17
C ASP A 1 -3.79 -2.58 -2.08
N LEU A 2 -2.77 -2.01 -1.50
CA LEU A 2 -1.48 -2.69 -1.32
C LEU A 2 -0.88 -2.49 0.08
N PHE A 3 -0.26 -3.54 0.59
CA PHE A 3 0.38 -3.43 1.87
C PHE A 3 1.76 -2.79 1.73
N VAL A 4 2.43 -3.14 0.65
CA VAL A 4 3.77 -2.61 0.36
C VAL A 4 3.82 -2.18 -1.12
N PRO A 5 4.08 -0.87 -1.38
CA PRO A 5 4.33 0.26 -0.47
C PRO A 5 3.04 0.72 0.23
N PRO A 6 3.09 1.61 1.25
CA PRO A 6 1.86 2.05 1.92
C PRO A 6 0.98 3.01 1.11
N ILE A 7 0.14 2.41 0.28
CA ILE A 7 -0.79 3.12 -0.58
C ILE A 7 -2.07 2.24 -0.55
N ASP A 8 -3.12 2.61 -1.27
CA ASP A 8 -4.39 1.86 -1.25
C ASP A 8 -4.25 0.55 -2.02
N ASP A 1 -4.84 0.50 -1.16
CA ASP A 1 -5.08 -0.81 -0.63
C ASP A 1 -3.88 -1.74 -0.77
N LEU A 2 -2.70 -1.19 -1.06
CA LEU A 2 -1.47 -1.98 -1.18
C LEU A 2 -0.83 -2.05 0.18
N PHE A 3 -0.37 -3.22 0.59
CA PHE A 3 0.33 -3.32 1.88
C PHE A 3 1.74 -2.75 1.74
N VAL A 4 2.40 -3.09 0.63
CA VAL A 4 3.73 -2.60 0.38
C VAL A 4 3.87 -2.18 -1.10
N PRO A 5 4.11 -0.90 -1.40
CA PRO A 5 4.24 0.30 -0.54
C PRO A 5 2.94 0.67 0.16
N PRO A 6 2.99 1.33 1.35
CA PRO A 6 1.76 1.73 2.05
C PRO A 6 1.03 2.90 1.35
N ILE A 7 0.15 2.54 0.42
CA ILE A 7 -0.65 3.49 -0.33
C ILE A 7 -1.91 2.74 -0.78
N ASP A 8 -3.03 3.42 -0.68
CA ASP A 8 -4.32 2.88 -1.05
C ASP A 8 -4.52 1.52 -0.38
#